data_3W9R
#
_entry.id   3W9R
#
_cell.length_a   111.405
_cell.length_b   111.405
_cell.length_c   40.478
_cell.angle_alpha   90.00
_cell.angle_beta   90.00
_cell.angle_gamma   120.00
#
_symmetry.space_group_name_H-M   'P 32 2 1'
#
loop_
_entity.id
_entity.type
_entity.pdbx_description
1 polymer 'Abscisic acid receptor PYL9'
2 non-polymer '(2Z,4E)-5-[(1S)-1-hydroxy-2,6,6-trimethyl-4-oxocyclohex-2-en-1-yl]-3-methylpenta-2,4-dienoic acid'
3 non-polymer 'HEXAETHYLENE GLYCOL'
4 water water
#
_entity_poly.entity_id   1
_entity_poly.type   'polypeptide(L)'
_entity_poly.pdbx_seq_one_letter_code
;GPMMDGVEGGTAMYGGLETVQYVRTHHQHLCRENQCTSALVKHIKAPLHLVWSLVRRFDQPQKYKPFVSRCTVIGDPEIG
SLREVNVKSGLPATTSTERLELLDDEEHILGIKIIGGDHRLKNYSSILTVHPEIIEGRAGTMVIESFVVDVPQGNTKDET
CYFVEALIRCNLKSLADVSERLASQDITQ
;
_entity_poly.pdbx_strand_id   A
#
loop_
_chem_comp.id
_chem_comp.type
_chem_comp.name
_chem_comp.formula
A8S non-polymer '(2Z,4E)-5-[(1S)-1-hydroxy-2,6,6-trimethyl-4-oxocyclohex-2-en-1-yl]-3-methylpenta-2,4-dienoic acid' 'C15 H20 O4'
P6G non-polymer 'HEXAETHYLENE GLYCOL' 'C12 H26 O7'
#
# COMPACT_ATOMS: atom_id res chain seq x y z
N GLY A 15 5.53 12.56 13.90
CA GLY A 15 6.28 11.42 13.29
C GLY A 15 5.52 10.88 12.08
N GLY A 16 4.34 10.33 12.35
CA GLY A 16 3.45 9.86 11.29
C GLY A 16 2.84 11.04 10.55
N LEU A 17 2.09 11.88 11.27
CA LEU A 17 1.49 13.09 10.70
C LEU A 17 2.55 13.94 9.99
N GLU A 18 3.81 13.78 10.40
CA GLU A 18 4.92 14.55 9.87
C GLU A 18 5.32 14.10 8.46
N THR A 19 5.39 12.79 8.24
CA THR A 19 5.68 12.25 6.91
C THR A 19 4.54 12.59 5.95
N VAL A 20 3.30 12.49 6.46
CA VAL A 20 2.10 12.83 5.69
C VAL A 20 2.11 14.29 5.21
N GLN A 21 2.50 15.21 6.09
CA GLN A 21 2.57 16.63 5.73
C GLN A 21 3.70 16.92 4.73
N TYR A 22 4.83 16.25 4.90
CA TYR A 22 5.96 16.40 3.99
C TYR A 22 5.64 15.88 2.58
N VAL A 23 4.98 14.72 2.49
CA VAL A 23 4.60 14.14 1.19
C VAL A 23 3.52 14.95 0.46
N ARG A 24 2.48 15.36 1.19
CA ARG A 24 1.40 16.13 0.58
C ARG A 24 1.83 17.54 0.15
N THR A 25 2.92 18.04 0.73
CA THR A 25 3.41 19.40 0.42
C THR A 25 4.70 19.40 -0.42
N HIS A 26 5.82 19.06 0.20
CA HIS A 26 7.11 19.03 -0.49
C HIS A 26 7.07 18.09 -1.68
N HIS A 27 6.75 16.82 -1.43
CA HIS A 27 6.68 15.83 -2.51
C HIS A 27 5.71 16.20 -3.60
N GLN A 28 4.54 16.73 -3.22
CA GLN A 28 3.56 17.10 -4.24
C GLN A 28 4.13 18.20 -5.14
N HIS A 29 4.93 19.08 -4.55
CA HIS A 29 5.65 20.14 -5.27
C HIS A 29 6.60 19.55 -6.30
N LEU A 30 7.13 18.37 -6.02
CA LEU A 30 8.11 17.71 -6.91
C LEU A 30 7.47 16.95 -8.08
N CYS A 31 6.20 16.58 -7.94
CA CYS A 31 5.49 15.82 -8.97
C CYS A 31 5.43 16.54 -10.30
N ARG A 32 5.42 15.76 -11.39
CA ARG A 32 5.08 16.27 -12.71
C ARG A 32 3.65 16.79 -12.67
N GLU A 33 3.30 17.72 -13.56
CA GLU A 33 1.97 18.29 -13.47
C GLU A 33 0.89 17.21 -13.55
N ASN A 34 1.18 16.13 -14.28
CA ASN A 34 0.19 15.05 -14.50
C ASN A 34 0.44 13.88 -13.54
N GLN A 35 0.91 14.20 -12.34
CA GLN A 35 1.24 13.18 -11.34
C GLN A 35 0.80 13.68 -9.98
N CYS A 36 0.41 12.78 -9.08
CA CYS A 36 0.02 13.18 -7.75
C CYS A 36 0.63 12.23 -6.72
N THR A 37 0.65 12.67 -5.47
CA THR A 37 1.30 11.86 -4.44
C THR A 37 0.61 12.10 -3.10
N SER A 38 0.49 11.07 -2.28
CA SER A 38 0.02 11.28 -0.92
C SER A 38 0.58 10.18 -0.03
N ALA A 39 0.24 10.26 1.25
CA ALA A 39 0.68 9.27 2.25
C ALA A 39 -0.47 9.05 3.22
N LEU A 40 -0.60 7.82 3.70
CA LEU A 40 -1.60 7.46 4.70
C LEU A 40 -0.86 6.86 5.91
N VAL A 41 -1.35 7.16 7.11
CA VAL A 41 -0.77 6.56 8.31
C VAL A 41 -1.83 5.70 8.98
N LYS A 42 -1.44 4.56 9.55
CA LYS A 42 -2.39 3.76 10.33
C LYS A 42 -1.69 3.22 11.59
N HIS A 43 -2.32 3.41 12.75
CA HIS A 43 -1.83 2.85 14.01
C HIS A 43 -2.57 1.58 14.29
N ILE A 44 -1.83 0.56 14.72
CA ILE A 44 -2.38 -0.78 14.81
C ILE A 44 -1.94 -1.34 16.16
N LYS A 45 -2.91 -1.83 16.94
CA LYS A 45 -2.64 -2.39 18.27
C LYS A 45 -2.18 -3.85 18.18
N ALA A 46 -1.02 -4.08 17.56
CA ALA A 46 -0.43 -5.40 17.40
C ALA A 46 1.07 -5.22 17.29
N PRO A 47 1.85 -6.25 17.69
CA PRO A 47 3.31 -6.19 17.60
C PRO A 47 3.73 -6.12 16.17
N LEU A 48 4.86 -5.45 15.92
CA LEU A 48 5.34 -5.23 14.57
C LEU A 48 5.56 -6.53 13.80
N HIS A 49 5.98 -7.59 14.50
CA HIS A 49 6.21 -8.87 13.82
C HIS A 49 4.98 -9.38 13.10
N LEU A 50 3.83 -9.26 13.72
CA LEU A 50 2.57 -9.69 13.11
C LEU A 50 2.19 -8.82 11.90
N VAL A 51 2.25 -7.51 12.06
CA VAL A 51 1.90 -6.60 10.95
C VAL A 51 2.86 -6.80 9.77
N TRP A 52 4.16 -6.89 10.06
CA TRP A 52 5.15 -7.04 9.02
C TRP A 52 5.02 -8.35 8.31
N SER A 53 4.73 -9.42 9.06
CA SER A 53 4.53 -10.74 8.46
C SER A 53 3.38 -10.75 7.43
N LEU A 54 2.39 -9.88 7.60
CA LEU A 54 1.27 -9.81 6.61
C LEU A 54 1.66 -8.98 5.39
N VAL A 55 2.22 -7.81 5.65
CA VAL A 55 2.54 -6.85 4.59
C VAL A 55 3.61 -7.36 3.64
N ARG A 56 4.54 -8.14 4.18
CA ARG A 56 5.70 -8.56 3.38
C ARG A 56 5.40 -9.67 2.39
N ARG A 57 4.24 -10.29 2.51
CA ARG A 57 3.90 -11.42 1.64
C ARG A 57 3.42 -10.91 0.31
N PHE A 58 4.35 -10.67 -0.61
CA PHE A 58 4.05 -10.11 -1.92
C PHE A 58 3.12 -11.06 -2.68
N ASP A 59 3.20 -12.36 -2.36
CA ASP A 59 2.41 -13.35 -3.08
C ASP A 59 1.03 -13.59 -2.48
N GLN A 60 0.77 -13.01 -1.31
CA GLN A 60 -0.52 -13.18 -0.65
C GLN A 60 -1.19 -11.87 -0.17
N PRO A 61 -1.38 -10.91 -1.10
CA PRO A 61 -2.01 -9.65 -0.68
C PRO A 61 -3.43 -9.87 -0.19
N GLN A 62 -4.08 -10.92 -0.67
CA GLN A 62 -5.48 -11.20 -0.36
C GLN A 62 -5.71 -11.62 1.10
N LYS A 63 -4.65 -11.82 1.86
CA LYS A 63 -4.80 -12.07 3.30
C LYS A 63 -5.21 -10.80 4.05
N TYR A 64 -5.06 -9.63 3.43
CA TYR A 64 -5.60 -8.43 4.08
C TYR A 64 -6.18 -7.40 3.12
N LYS A 65 -5.81 -7.42 1.83
CA LYS A 65 -6.38 -6.44 0.90
C LYS A 65 -7.79 -6.88 0.50
N PRO A 66 -8.80 -6.05 0.86
CA PRO A 66 -10.20 -6.48 0.71
C PRO A 66 -10.69 -6.64 -0.71
N PHE A 67 -10.05 -6.02 -1.70
CA PHE A 67 -10.55 -6.10 -3.08
C PHE A 67 -9.82 -7.11 -3.96
N VAL A 68 -8.83 -7.80 -3.41
CA VAL A 68 -8.10 -8.79 -4.20
C VAL A 68 -8.80 -10.14 -4.12
N SER A 69 -9.19 -10.67 -5.28
CA SER A 69 -9.89 -11.96 -5.33
C SER A 69 -8.90 -13.07 -5.61
N ARG A 70 -7.79 -12.74 -6.25
CA ARG A 70 -6.86 -13.78 -6.66
C ARG A 70 -5.47 -13.18 -6.89
N CYS A 71 -4.41 -13.90 -6.55
CA CYS A 71 -3.05 -13.44 -6.83
C CYS A 71 -2.19 -14.60 -7.34
N THR A 72 -1.49 -14.38 -8.44
CA THR A 72 -0.62 -15.42 -8.99
C THR A 72 0.80 -14.90 -9.11
N VAL A 73 1.74 -15.60 -8.50
CA VAL A 73 3.16 -15.34 -8.68
C VAL A 73 3.79 -16.64 -9.19
N ILE A 74 4.51 -16.57 -10.30
CA ILE A 74 5.27 -17.74 -10.83
C ILE A 74 6.67 -17.74 -10.23
N GLY A 75 7.04 -18.81 -9.52
CA GLY A 75 8.35 -18.85 -8.86
C GLY A 75 8.31 -18.14 -7.51
N ASP A 76 9.46 -17.99 -6.85
CA ASP A 76 9.47 -17.38 -5.51
C ASP A 76 9.10 -15.91 -5.55
N PRO A 77 8.30 -15.44 -4.56
CA PRO A 77 7.91 -14.02 -4.48
C PRO A 77 9.07 -13.16 -3.97
N GLU A 78 10.20 -13.20 -4.68
CA GLU A 78 11.40 -12.50 -4.25
C GLU A 78 11.48 -11.11 -4.89
N ILE A 79 12.42 -10.29 -4.44
CA ILE A 79 12.55 -8.93 -5.01
C ILE A 79 12.67 -9.04 -6.53
N GLY A 80 11.93 -8.19 -7.26
CA GLY A 80 11.89 -8.22 -8.71
C GLY A 80 10.83 -9.12 -9.35
N SER A 81 10.17 -9.95 -8.56
CA SER A 81 9.15 -10.84 -9.11
C SER A 81 7.90 -10.06 -9.54
N LEU A 82 7.05 -10.70 -10.33
CA LEU A 82 5.79 -10.10 -10.72
C LEU A 82 4.63 -10.85 -10.07
N ARG A 83 3.59 -10.11 -9.71
CA ARG A 83 2.33 -10.75 -9.37
C ARG A 83 1.23 -10.28 -10.30
N GLU A 84 0.29 -11.17 -10.58
CA GLU A 84 -0.90 -10.79 -11.29
C GLU A 84 -2.05 -10.86 -10.29
N VAL A 85 -2.73 -9.75 -10.06
CA VAL A 85 -3.85 -9.76 -9.10
C VAL A 85 -5.16 -9.54 -9.86
N ASN A 86 -6.20 -10.28 -9.47
CA ASN A 86 -7.53 -10.02 -10.01
C ASN A 86 -8.28 -9.33 -8.88
N VAL A 87 -9.16 -8.39 -9.19
CA VAL A 87 -9.87 -7.71 -8.12
C VAL A 87 -11.34 -8.07 -8.22
N LYS A 88 -12.07 -7.86 -7.13
CA LYS A 88 -13.53 -8.07 -7.09
C LYS A 88 -14.36 -7.19 -8.02
N SER A 89 -15.58 -7.63 -8.33
CA SER A 89 -16.51 -6.86 -9.14
C SER A 89 -16.84 -5.52 -8.50
N GLY A 90 -17.15 -4.53 -9.32
CA GLY A 90 -17.64 -3.24 -8.81
C GLY A 90 -16.60 -2.15 -8.87
N LEU A 91 -15.42 -2.50 -9.38
CA LEU A 91 -14.32 -1.54 -9.51
C LEU A 91 -14.00 -1.22 -10.97
N PRO A 92 -13.38 -0.05 -11.25
CA PRO A 92 -12.95 0.27 -12.64
C PRO A 92 -11.70 -0.51 -13.01
N ALA A 93 -11.73 -1.83 -12.84
CA ALA A 93 -10.55 -2.66 -13.06
C ALA A 93 -10.97 -4.11 -12.91
N THR A 94 -10.25 -5.02 -13.56
CA THR A 94 -10.39 -6.43 -13.24
C THR A 94 -9.05 -7.05 -12.89
N THR A 95 -7.95 -6.50 -13.42
CA THR A 95 -6.65 -7.15 -13.23
C THR A 95 -5.52 -6.12 -13.16
N SER A 96 -4.48 -6.46 -12.40
CA SER A 96 -3.31 -5.59 -12.20
C SER A 96 -2.04 -6.44 -12.14
N THR A 97 -1.01 -6.05 -12.87
CA THR A 97 0.28 -6.73 -12.80
C THR A 97 1.26 -5.82 -12.10
N GLU A 98 1.94 -6.33 -11.07
CA GLU A 98 2.70 -5.52 -10.15
C GLU A 98 4.07 -6.16 -9.91
N ARG A 99 5.06 -5.32 -9.65
CA ARG A 99 6.45 -5.78 -9.48
C ARG A 99 6.95 -5.43 -8.08
N LEU A 100 7.66 -6.36 -7.46
CA LEU A 100 8.23 -6.11 -6.13
C LEU A 100 9.54 -5.35 -6.27
N GLU A 101 9.57 -4.08 -5.87
CA GLU A 101 10.73 -3.23 -6.12
C GLU A 101 11.69 -3.24 -4.95
N LEU A 102 11.16 -3.48 -3.76
CA LEU A 102 11.97 -3.34 -2.56
C LEU A 102 11.36 -4.20 -1.48
N LEU A 103 12.17 -4.99 -0.78
CA LEU A 103 11.69 -5.67 0.39
C LEU A 103 12.83 -5.82 1.39
N ASP A 104 12.73 -5.13 2.52
CA ASP A 104 13.84 -5.13 3.46
C ASP A 104 13.30 -5.64 4.78
N ASP A 105 13.61 -6.89 5.10
CA ASP A 105 13.08 -7.55 6.29
C ASP A 105 13.67 -7.00 7.56
N GLU A 106 14.82 -6.36 7.46
CA GLU A 106 15.50 -5.82 8.64
C GLU A 106 14.97 -4.46 9.02
N GLU A 107 14.76 -3.60 8.01
CA GLU A 107 14.24 -2.26 8.20
C GLU A 107 12.72 -2.15 8.02
N HIS A 108 12.09 -3.19 7.48
CA HIS A 108 10.62 -3.20 7.36
C HIS A 108 10.12 -2.20 6.35
N ILE A 109 10.61 -2.34 5.12
CA ILE A 109 10.20 -1.47 4.02
C ILE A 109 9.80 -2.35 2.84
N LEU A 110 8.68 -1.99 2.21
CA LEU A 110 8.13 -2.71 1.07
C LEU A 110 7.83 -1.68 -0.02
N GLY A 111 8.31 -1.93 -1.22
CA GLY A 111 8.02 -1.03 -2.33
C GLY A 111 7.51 -1.84 -3.51
N ILE A 112 6.46 -1.34 -4.16
CA ILE A 112 5.91 -2.05 -5.33
C ILE A 112 5.69 -1.05 -6.46
N LYS A 113 5.62 -1.53 -7.68
CA LYS A 113 5.23 -0.70 -8.81
C LYS A 113 4.20 -1.45 -9.63
N ILE A 114 3.15 -0.76 -10.06
CA ILE A 114 2.15 -1.42 -10.92
C ILE A 114 2.58 -1.23 -12.37
N ILE A 115 2.77 -2.33 -13.08
CA ILE A 115 3.34 -2.28 -14.43
C ILE A 115 2.38 -2.73 -15.53
N GLY A 116 1.16 -3.12 -15.16
CA GLY A 116 0.19 -3.51 -16.18
C GLY A 116 -1.20 -3.72 -15.60
N GLY A 117 -2.16 -4.04 -16.47
CA GLY A 117 -3.53 -4.29 -16.04
C GLY A 117 -4.55 -3.58 -16.89
N ASP A 118 -5.82 -3.64 -16.51
CA ASP A 118 -6.83 -2.96 -17.32
C ASP A 118 -7.44 -1.76 -16.60
N HIS A 119 -6.72 -1.23 -15.62
CA HIS A 119 -7.23 -0.19 -14.74
C HIS A 119 -6.67 1.15 -15.16
N ARG A 120 -6.88 2.19 -14.37
CA ARG A 120 -6.55 3.55 -14.76
CA ARG A 120 -6.49 3.53 -14.83
C ARG A 120 -5.29 4.12 -14.10
N LEU A 121 -4.51 3.29 -13.41
CA LEU A 121 -3.35 3.79 -12.66
C LEU A 121 -2.06 3.49 -13.41
N LYS A 122 -1.46 4.52 -13.99
CA LYS A 122 -0.25 4.38 -14.76
C LYS A 122 0.90 4.93 -13.93
N ASN A 123 2.06 4.26 -13.97
CA ASN A 123 3.23 4.68 -13.19
C ASN A 123 2.98 4.80 -11.68
N TYR A 124 2.13 3.93 -11.16
CA TYR A 124 1.89 3.85 -9.72
C TYR A 124 3.06 3.14 -9.03
N SER A 125 3.63 3.78 -8.00
CA SER A 125 4.64 3.20 -7.12
C SER A 125 4.29 3.53 -5.70
N SER A 126 4.48 2.56 -4.81
CA SER A 126 4.14 2.73 -3.41
C SER A 126 5.37 2.37 -2.58
N ILE A 127 5.57 3.07 -1.47
CA ILE A 127 6.51 2.62 -0.42
C ILE A 127 5.75 2.52 0.88
N LEU A 128 5.85 1.37 1.53
CA LEU A 128 5.19 1.12 2.80
C LEU A 128 6.27 0.84 3.86
N THR A 129 6.22 1.56 4.98
CA THR A 129 7.14 1.30 6.09
C THR A 129 6.38 1.01 7.37
N VAL A 130 6.99 0.22 8.23
CA VAL A 130 6.32 -0.20 9.45
C VAL A 130 7.24 0.12 10.63
N HIS A 131 6.67 0.66 11.71
CA HIS A 131 7.46 1.18 12.83
C HIS A 131 6.90 0.76 14.15
N PRO A 132 7.77 0.33 15.08
CA PRO A 132 7.31 -0.08 16.40
C PRO A 132 6.94 1.11 17.27
N GLU A 133 5.94 0.94 18.12
CA GLU A 133 5.56 1.99 19.05
C GLU A 133 4.80 1.38 20.23
N ILE A 134 4.42 2.23 21.17
CA ILE A 134 3.59 1.82 22.29
C ILE A 134 2.21 2.42 22.11
N ILE A 135 1.19 1.60 22.27
CA ILE A 135 -0.18 2.07 22.21
C ILE A 135 -0.88 1.60 23.48
N GLU A 136 -1.20 2.55 24.36
CA GLU A 136 -1.81 2.24 25.64
C GLU A 136 -1.04 1.14 26.35
N GLY A 137 0.24 1.42 26.63
CA GLY A 137 1.09 0.50 27.37
C GLY A 137 1.34 -0.85 26.74
N ARG A 138 0.92 -1.03 25.48
CA ARG A 138 1.12 -2.30 24.78
C ARG A 138 1.93 -2.11 23.50
N ALA A 139 2.59 -3.18 23.04
CA ALA A 139 3.29 -3.12 21.76
C ALA A 139 2.30 -2.74 20.67
N GLY A 140 2.61 -1.71 19.90
CA GLY A 140 1.81 -1.42 18.70
C GLY A 140 2.70 -1.14 17.50
N THR A 141 2.06 -0.84 16.38
CA THR A 141 2.78 -0.64 15.12
C THR A 141 2.19 0.55 14.35
N MET A 142 3.04 1.43 13.84
CA MET A 142 2.56 2.48 12.94
C MET A 142 2.96 2.10 11.50
N VAL A 143 1.98 2.14 10.59
CA VAL A 143 2.25 1.87 9.17
C VAL A 143 2.08 3.17 8.40
N ILE A 144 3.03 3.46 7.52
CA ILE A 144 2.93 4.61 6.63
C ILE A 144 3.05 4.09 5.21
N GLU A 145 2.05 4.36 4.39
CA GLU A 145 2.12 4.01 2.98
C GLU A 145 1.97 5.24 2.11
N SER A 146 2.94 5.47 1.24
CA SER A 146 2.89 6.63 0.34
C SER A 146 2.94 6.14 -1.08
N PHE A 147 2.33 6.91 -1.99
CA PHE A 147 2.31 6.52 -3.38
C PHE A 147 2.53 7.72 -4.28
N VAL A 148 2.96 7.45 -5.50
CA VAL A 148 2.92 8.45 -6.55
C VAL A 148 2.24 7.75 -7.71
N VAL A 149 1.44 8.49 -8.48
CA VAL A 149 0.77 7.90 -9.62
C VAL A 149 0.42 8.99 -10.63
N ASP A 150 0.33 8.62 -11.90
CA ASP A 150 -0.12 9.56 -12.94
C ASP A 150 -1.58 9.87 -12.81
N VAL A 151 -1.92 11.11 -13.14
CA VAL A 151 -3.32 11.52 -13.21
C VAL A 151 -3.83 11.07 -14.58
N PRO A 152 -4.87 10.21 -14.61
CA PRO A 152 -5.38 9.79 -15.92
C PRO A 152 -6.00 10.95 -16.70
N GLN A 153 -5.96 10.84 -18.03
CA GLN A 153 -6.17 11.98 -18.92
C GLN A 153 -7.18 13.03 -18.42
N GLY A 154 -8.45 12.66 -18.34
CA GLY A 154 -9.50 13.63 -18.03
C GLY A 154 -9.77 13.90 -16.56
N ASN A 155 -8.82 13.57 -15.67
CA ASN A 155 -9.00 13.80 -14.23
C ASN A 155 -8.06 14.88 -13.68
N THR A 156 -8.21 15.19 -12.40
CA THR A 156 -7.36 16.15 -11.71
C THR A 156 -6.49 15.42 -10.70
N LYS A 157 -5.41 16.07 -10.25
CA LYS A 157 -4.61 15.55 -9.13
C LYS A 157 -5.47 15.24 -7.90
N ASP A 158 -6.40 16.14 -7.58
CA ASP A 158 -7.22 15.96 -6.36
C ASP A 158 -8.04 14.71 -6.40
N GLU A 159 -8.78 14.52 -7.50
CA GLU A 159 -9.66 13.36 -7.68
C GLU A 159 -8.86 12.10 -7.62
N THR A 160 -7.73 12.11 -8.32
CA THR A 160 -6.90 10.89 -8.39
C THR A 160 -6.39 10.54 -7.01
N CYS A 161 -5.85 11.53 -6.32
CA CYS A 161 -5.35 11.29 -4.98
C CYS A 161 -6.43 10.77 -4.00
N TYR A 162 -7.60 11.39 -4.03
CA TYR A 162 -8.65 11.00 -3.07
C TYR A 162 -9.14 9.61 -3.34
N PHE A 163 -9.24 9.22 -4.60
CA PHE A 163 -9.73 7.87 -4.93
C PHE A 163 -8.69 6.81 -4.54
N VAL A 164 -7.44 7.06 -4.89
CA VAL A 164 -6.34 6.14 -4.49
C VAL A 164 -6.21 6.09 -2.98
N GLU A 165 -6.28 7.24 -2.31
CA GLU A 165 -6.30 7.23 -0.84
C GLU A 165 -7.40 6.34 -0.28
N ALA A 166 -8.59 6.36 -0.88
CA ALA A 166 -9.69 5.51 -0.35
C ALA A 166 -9.27 4.05 -0.41
N LEU A 167 -8.65 3.65 -1.52
CA LEU A 167 -8.23 2.26 -1.67
C LEU A 167 -7.17 1.90 -0.61
N ILE A 168 -6.17 2.76 -0.46
CA ILE A 168 -5.13 2.47 0.54
C ILE A 168 -5.71 2.42 1.97
N ARG A 169 -6.65 3.32 2.26
CA ARG A 169 -7.27 3.30 3.59
C ARG A 169 -8.02 2.03 3.82
N CYS A 170 -8.69 1.53 2.77
CA CYS A 170 -9.35 0.20 2.91
C CYS A 170 -8.33 -0.88 3.25
N ASN A 171 -7.24 -0.89 2.49
CA ASN A 171 -6.17 -1.85 2.73
C ASN A 171 -5.56 -1.74 4.14
N LEU A 172 -5.24 -0.53 4.59
CA LEU A 172 -4.59 -0.39 5.92
C LEU A 172 -5.58 -0.64 7.05
N LYS A 173 -6.84 -0.30 6.86
CA LYS A 173 -7.86 -0.63 7.89
C LYS A 173 -8.01 -2.14 8.01
N SER A 174 -8.06 -2.82 6.87
CA SER A 174 -8.16 -4.28 6.89
C SER A 174 -6.87 -4.88 7.49
N LEU A 175 -5.71 -4.34 7.10
CA LEU A 175 -4.44 -4.80 7.72
C LEU A 175 -4.51 -4.68 9.25
N ALA A 176 -5.03 -3.55 9.73
CA ALA A 176 -5.15 -3.34 11.19
C ALA A 176 -6.11 -4.35 11.80
N ASP A 177 -7.26 -4.56 11.16
CA ASP A 177 -8.26 -5.48 11.71
C ASP A 177 -7.69 -6.89 11.86
N VAL A 178 -7.06 -7.37 10.80
CA VAL A 178 -6.48 -8.71 10.76
C VAL A 178 -5.36 -8.82 11.79
N SER A 179 -4.49 -7.81 11.82
CA SER A 179 -3.37 -7.83 12.77
C SER A 179 -3.86 -7.88 14.21
N GLU A 180 -4.86 -7.07 14.51
CA GLU A 180 -5.34 -6.97 15.91
C GLU A 180 -6.08 -8.25 16.30
N ARG A 181 -6.81 -8.84 15.35
CA ARG A 181 -7.42 -10.15 15.56
C ARG A 181 -6.37 -11.22 15.88
N LEU A 182 -5.33 -11.29 15.05
CA LEU A 182 -4.22 -12.21 15.27
C LEU A 182 -3.52 -11.93 16.59
N ALA A 183 -3.35 -10.65 16.95
CA ALA A 183 -2.69 -10.28 18.20
C ALA A 183 -3.41 -10.78 19.44
N SER A 184 -4.73 -10.83 19.37
CA SER A 184 -5.49 -11.22 20.55
C SER A 184 -5.39 -12.74 20.78
N GLN A 185 -4.36 -13.36 20.23
CA GLN A 185 -4.20 -14.82 20.35
C GLN A 185 -2.76 -15.27 20.64
C1 A8S B . -2.75 -1.54 -3.35
C2 A8S B . -3.08 -0.19 -3.91
C3 A8S B . -3.99 0.07 -4.88
C4 A8S B . -4.84 -0.94 -5.55
C5 A8S B . -5.56 -0.64 -6.65
C6 A8S B . -4.10 1.51 -5.31
C7 A8S B . -6.39 -1.68 -7.37
O7 A8S B . -5.99 -2.97 -6.91
C8 A8S B . -7.86 -1.50 -6.99
C9 A8S B . -8.67 -0.77 -7.78
C10 A8S B . -8.19 -0.11 -9.02
O10 A8S B . -8.94 0.62 -9.69
C11 A8S B . -6.75 -0.33 -9.49
O11 A8S B . -3.45 -2.51 -3.62
C12 A8S B . -6.18 -1.64 -8.90
O12 A8S B . -1.72 -1.65 -2.64
C13 A8S B . -8.37 -2.14 -5.73
C14 A8S B . -6.82 -2.83 -9.59
C15 A8S B . -4.68 -1.60 -9.20
O1 P6G C . -12.56 4.82 -5.26
C2 P6G C . -12.50 4.32 -6.59
C3 P6G C . -11.20 3.58 -6.92
O4 P6G C . -10.77 3.83 -8.28
C5 P6G C . -9.41 4.26 -8.38
C6 P6G C . -9.12 4.98 -9.70
O7 P6G C . -8.89 6.36 -9.48
C8 P6G C . -8.93 7.11 -10.70
C9 P6G C . -8.68 8.59 -10.45
O10 P6G C . -9.87 9.33 -10.17
C11 P6G C . -11.02 8.89 -10.89
C12 P6G C . -12.11 9.88 -10.63
O13 P6G C . -13.28 9.46 -11.32
C14 P6G C . -13.16 9.42 -12.73
C15 P6G C . -14.49 9.82 -13.34
O16 P6G C . -14.34 11.02 -14.11
C17 P6G C . -13.51 10.75 -15.25
C18 P6G C . -13.46 11.98 -16.15
O19 P6G C . -12.87 11.60 -17.41
#